data_6P5Q
#
_entry.id   6P5Q
#
_cell.length_a   68.009
_cell.length_b   74.148
_cell.length_c   142.563
_cell.angle_alpha   90.000
_cell.angle_beta   90.000
_cell.angle_gamma   90.000
#
_symmetry.space_group_name_H-M   'P 2 2 21'
#
loop_
_entity.id
_entity.type
_entity.pdbx_description
1 polymer UndA
2 non-polymer 'LAURIC ACID'
3 non-polymer 'FE (III) ION'
4 non-polymer GLYCEROL
5 water water
#
_entity_poly.entity_id   1
_entity_poly.type   'polypeptide(L)'
_entity_poly.pdbx_seq_one_letter_code
;MHHHHHHSSGLVPRGSGMKETAAAKFERQHMDSPDLGTGGGSGIEGRMIDTFSRTGPLMEAASYPAWTQQLIQDCSESKR
RVVEHELYQRMRDNKLSAKVMRQYLIGGWPVVEQFALYMAQNLTKTRFARHPGEDMARRWLMRNIRVELNHADYWVHWSR
AHGVTLEDLQAQQVPPELHALSHWCWHTSSADSLIVAIAATNYAIEGATGEWSALVCSNGIYAAAFPEEDRKRAMKWLKM
HAQYDDAHPWEALEIIVTLAGLNPTKALQAELRQAICKSYDYMYLFLERCMQQEKTAVTRERLALAEG
;
_entity_poly.pdbx_strand_id   A,B
#
# COMPACT_ATOMS: atom_id res chain seq x y z
N ASP A 50 33.08 -9.12 -11.98
CA ASP A 50 31.88 -9.51 -11.24
C ASP A 50 30.67 -9.62 -12.18
N THR A 51 30.91 -10.06 -13.41
CA THR A 51 29.87 -10.23 -14.41
C THR A 51 29.25 -11.61 -14.29
N PHE A 52 27.94 -11.70 -14.50
CA PHE A 52 27.21 -12.96 -14.40
C PHE A 52 26.79 -13.43 -15.79
N SER A 53 27.04 -14.71 -16.07
CA SER A 53 26.62 -15.32 -17.32
C SER A 53 26.16 -16.74 -17.00
N ARG A 54 24.86 -16.98 -17.11
CA ARG A 54 24.30 -18.27 -16.74
C ARG A 54 24.84 -19.37 -17.66
N THR A 55 25.14 -20.52 -17.06
CA THR A 55 25.55 -21.72 -17.79
C THR A 55 24.62 -22.89 -17.56
N GLY A 56 24.08 -23.03 -16.35
CA GLY A 56 23.15 -24.09 -16.05
C GLY A 56 21.75 -23.77 -16.51
N PRO A 57 20.84 -24.73 -16.31
CA PRO A 57 19.46 -24.54 -16.77
C PRO A 57 18.83 -23.30 -16.17
N LEU A 58 17.97 -22.66 -16.97
CA LEU A 58 17.33 -21.42 -16.55
C LEU A 58 16.58 -21.59 -15.24
N MET A 59 15.82 -22.68 -15.11
CA MET A 59 14.87 -22.85 -14.01
C MET A 59 15.43 -23.69 -12.87
N GLU A 60 16.70 -23.51 -12.53
CA GLU A 60 17.31 -24.21 -11.41
C GLU A 60 18.10 -23.22 -10.56
N ALA A 61 17.85 -23.22 -9.26
CA ALA A 61 18.52 -22.29 -8.36
C ALA A 61 20.04 -22.45 -8.44
N ALA A 62 20.52 -23.67 -8.67
CA ALA A 62 21.95 -23.91 -8.69
C ALA A 62 22.65 -23.27 -9.87
N SER A 63 21.91 -22.71 -10.83
CA SER A 63 22.54 -22.03 -11.96
C SER A 63 22.92 -20.59 -11.63
N TYR A 64 22.67 -20.13 -10.41
CA TYR A 64 22.88 -18.74 -10.03
C TYR A 64 23.85 -18.66 -8.85
N PRO A 65 24.40 -17.48 -8.59
CA PRO A 65 25.42 -17.37 -7.54
C PRO A 65 24.89 -17.76 -6.17
N ALA A 66 25.84 -17.96 -5.25
CA ALA A 66 25.48 -18.33 -3.88
C ALA A 66 24.60 -17.28 -3.22
N TRP A 67 24.90 -16.00 -3.43
CA TRP A 67 24.07 -14.97 -2.80
C TRP A 67 22.64 -15.04 -3.30
N THR A 68 22.44 -15.41 -4.57
CA THR A 68 21.08 -15.57 -5.10
C THR A 68 20.39 -16.77 -4.47
N GLN A 69 21.10 -17.89 -4.36
CA GLN A 69 20.53 -19.05 -3.69
C GLN A 69 20.22 -18.73 -2.24
N GLN A 70 21.06 -17.91 -1.60
CA GLN A 70 20.78 -17.47 -0.24
C GLN A 70 19.53 -16.60 -0.21
N LEU A 71 19.40 -15.68 -1.17
CA LEU A 71 18.21 -14.86 -1.26
C LEU A 71 16.95 -15.71 -1.33
N ILE A 72 16.97 -16.73 -2.20
CA ILE A 72 15.82 -17.62 -2.34
C ILE A 72 15.51 -18.28 -1.00
N GLN A 73 16.55 -18.77 -0.32
CA GLN A 73 16.37 -19.38 0.98
C GLN A 73 15.78 -18.41 1.98
N ASP A 74 16.28 -17.17 2.01
CA ASP A 74 15.82 -16.20 3.00
C ASP A 74 14.36 -15.83 2.79
N CYS A 75 13.87 -15.90 1.56
CA CYS A 75 12.49 -15.54 1.23
C CYS A 75 11.55 -16.74 1.22
N SER A 76 12.06 -17.95 1.48
CA SER A 76 11.31 -19.16 1.18
C SER A 76 10.09 -19.32 2.09
N GLU A 77 10.21 -18.97 3.37
CA GLU A 77 9.05 -19.11 4.26
C GLU A 77 7.99 -18.06 3.95
N SER A 78 8.42 -16.83 3.61
CA SER A 78 7.45 -15.82 3.19
C SER A 78 6.71 -16.27 1.94
N LYS A 79 7.42 -16.89 1.00
CA LYS A 79 6.77 -17.41 -0.20
C LYS A 79 5.84 -18.57 0.12
N ARG A 80 6.31 -19.50 0.96
CA ARG A 80 5.57 -20.73 1.19
C ARG A 80 4.18 -20.47 1.74
N ARG A 81 4.06 -19.56 2.71
CA ARG A 81 2.78 -19.37 3.35
C ARG A 81 1.78 -18.68 2.43
N VAL A 82 2.24 -18.17 1.28
CA VAL A 82 1.35 -17.64 0.25
C VAL A 82 0.94 -18.78 -0.67
N VAL A 83 1.93 -19.45 -1.28
CA VAL A 83 1.64 -20.42 -2.33
C VAL A 83 1.04 -21.71 -1.81
N GLU A 84 1.12 -21.94 -0.49
CA GLU A 84 0.46 -23.07 0.14
C GLU A 84 -0.71 -22.64 1.02
N HIS A 85 -1.24 -21.44 0.81
CA HIS A 85 -2.23 -20.90 1.72
C HIS A 85 -3.51 -21.73 1.71
N GLU A 86 -4.16 -21.78 2.88
CA GLU A 86 -5.42 -22.52 3.00
C GLU A 86 -6.45 -22.04 1.99
N LEU A 87 -6.48 -20.74 1.71
CA LEU A 87 -7.48 -20.21 0.79
C LEU A 87 -7.38 -20.88 -0.58
N TYR A 88 -6.15 -21.14 -1.04
CA TYR A 88 -5.95 -21.78 -2.33
C TYR A 88 -6.28 -23.26 -2.29
N GLN A 89 -6.02 -23.93 -1.17
CA GLN A 89 -6.47 -25.32 -1.02
C GLN A 89 -7.99 -25.39 -1.09
N ARG A 90 -8.67 -24.43 -0.45
CA ARG A 90 -10.13 -24.41 -0.50
C ARG A 90 -10.63 -24.05 -1.90
N MET A 91 -9.97 -23.10 -2.57
CA MET A 91 -10.39 -22.73 -3.92
C MET A 91 -10.21 -23.91 -4.87
N ARG A 92 -9.09 -24.63 -4.73
CA ARG A 92 -8.85 -25.84 -5.51
C ARG A 92 -10.02 -26.81 -5.40
N ASP A 93 -10.59 -26.94 -4.21
CA ASP A 93 -11.66 -27.88 -3.93
C ASP A 93 -13.05 -27.27 -4.11
N ASN A 94 -13.14 -26.06 -4.66
CA ASN A 94 -14.42 -25.39 -4.91
C ASN A 94 -15.18 -25.06 -3.62
N LYS A 95 -14.46 -24.92 -2.51
CA LYS A 95 -15.09 -24.75 -1.21
C LYS A 95 -15.41 -23.30 -0.85
N LEU A 96 -14.79 -22.32 -1.50
CA LEU A 96 -14.85 -20.96 -1.01
C LEU A 96 -16.26 -20.38 -1.13
N SER A 97 -16.64 -19.61 -0.11
CA SER A 97 -17.94 -18.96 -0.09
C SER A 97 -18.06 -17.95 -1.24
N ALA A 98 -19.30 -17.69 -1.64
CA ALA A 98 -19.54 -16.67 -2.65
C ALA A 98 -18.97 -15.33 -2.21
N LYS A 99 -19.11 -15.01 -0.92
CA LYS A 99 -18.58 -13.75 -0.39
C LYS A 99 -17.09 -13.62 -0.67
N VAL A 100 -16.32 -14.67 -0.34
CA VAL A 100 -14.86 -14.59 -0.44
C VAL A 100 -14.41 -14.66 -1.89
N MET A 101 -15.04 -15.50 -2.71
CA MET A 101 -14.70 -15.50 -4.13
C MET A 101 -14.87 -14.10 -4.72
N ARG A 102 -15.96 -13.42 -4.37
CA ARG A 102 -16.19 -12.07 -4.85
C ARG A 102 -15.10 -11.12 -4.37
N GLN A 103 -14.78 -11.18 -3.07
CA GLN A 103 -13.72 -10.33 -2.52
C GLN A 103 -12.38 -10.61 -3.20
N TYR A 104 -12.06 -11.89 -3.40
CA TYR A 104 -10.79 -12.25 -4.02
C TYR A 104 -10.70 -11.68 -5.43
N LEU A 105 -11.75 -11.86 -6.22
CA LEU A 105 -11.70 -11.44 -7.61
C LEU A 105 -11.68 -9.92 -7.73
N ILE A 106 -12.43 -9.23 -6.89
CA ILE A 106 -12.41 -7.77 -6.93
C ILE A 106 -11.08 -7.25 -6.40
N GLY A 107 -10.60 -7.82 -5.29
CA GLY A 107 -9.39 -7.31 -4.68
C GLY A 107 -8.16 -7.50 -5.54
N GLY A 108 -8.10 -8.61 -6.29
CA GLY A 108 -6.95 -8.87 -7.13
C GLY A 108 -6.93 -8.10 -8.43
N TRP A 109 -8.10 -7.64 -8.88
CA TRP A 109 -8.24 -6.96 -10.16
C TRP A 109 -7.22 -5.84 -10.37
N PRO A 110 -7.04 -4.88 -9.45
CA PRO A 110 -6.12 -3.77 -9.76
C PRO A 110 -4.70 -4.21 -10.07
N VAL A 111 -4.18 -5.20 -9.36
CA VAL A 111 -2.83 -5.67 -9.64
C VAL A 111 -2.78 -6.34 -11.01
N VAL A 112 -3.83 -7.07 -11.37
CA VAL A 112 -3.88 -7.72 -12.67
C VAL A 112 -4.03 -6.68 -13.78
N GLU A 113 -5.00 -5.78 -13.62
CA GLU A 113 -5.29 -4.78 -14.63
C GLU A 113 -4.08 -3.89 -14.90
N GLN A 114 -3.31 -3.59 -13.86
CA GLN A 114 -2.19 -2.66 -13.96
C GLN A 114 -0.84 -3.36 -14.11
N PHE A 115 -0.81 -4.68 -14.24
CA PHE A 115 0.47 -5.37 -14.19
C PHE A 115 1.38 -4.92 -15.33
N ALA A 116 0.85 -4.78 -16.54
CA ALA A 116 1.67 -4.31 -17.65
C ALA A 116 2.09 -2.86 -17.47
N LEU A 117 1.34 -2.09 -16.68
CA LEU A 117 1.71 -0.71 -16.39
C LEU A 117 2.86 -0.62 -15.40
N TYR A 118 2.94 -1.56 -14.44
CA TYR A 118 4.15 -1.66 -13.63
C TYR A 118 5.35 -1.92 -14.51
N MET A 119 5.21 -2.82 -15.48
CA MET A 119 6.32 -3.14 -16.37
C MET A 119 6.68 -1.96 -17.26
N ALA A 120 5.67 -1.24 -17.74
CA ALA A 120 5.91 -0.03 -18.53
C ALA A 120 6.69 1.00 -17.71
N GLN A 121 6.28 1.22 -16.46
CA GLN A 121 7.00 2.18 -15.63
C GLN A 121 8.44 1.76 -15.45
N ASN A 122 8.70 0.46 -15.28
CA ASN A 122 10.07 -0.01 -15.13
C ASN A 122 10.87 0.16 -16.42
N LEU A 123 10.21 -0.05 -17.55
CA LEU A 123 10.88 0.15 -18.83
C LEU A 123 11.43 1.57 -18.94
N THR A 124 10.71 2.56 -18.41
CA THR A 124 11.18 3.94 -18.51
C THR A 124 12.44 4.17 -17.69
N LYS A 125 12.83 3.23 -16.84
CA LYS A 125 14.06 3.35 -16.07
C LYS A 125 15.30 2.86 -16.82
N THR A 126 15.12 2.22 -17.98
CA THR A 126 16.24 1.62 -18.70
C THR A 126 16.83 2.59 -19.71
N ARG A 127 18.12 2.43 -19.97
CA ARG A 127 18.77 3.13 -21.07
C ARG A 127 19.57 2.11 -21.88
N PHE A 128 19.63 2.36 -23.19
CA PHE A 128 20.31 1.45 -24.10
C PHE A 128 21.79 1.35 -23.75
N ALA A 129 22.28 0.12 -23.66
CA ALA A 129 23.71 -0.19 -23.53
C ALA A 129 24.35 0.46 -22.31
N ARG A 130 23.57 0.77 -21.27
CA ARG A 130 24.16 1.31 -20.05
C ARG A 130 24.69 0.18 -19.15
N HIS A 131 24.09 -1.00 -19.22
CA HIS A 131 24.49 -2.14 -18.39
C HIS A 131 23.90 -3.38 -19.04
N PRO A 132 24.64 -4.49 -19.10
CA PRO A 132 24.08 -5.69 -19.75
C PRO A 132 22.76 -6.14 -19.15
N GLY A 133 22.60 -6.02 -17.83
CA GLY A 133 21.33 -6.35 -17.21
C GLY A 133 20.22 -5.40 -17.60
N GLU A 134 20.56 -4.15 -17.91
CA GLU A 134 19.54 -3.18 -18.33
C GLU A 134 19.05 -3.49 -19.74
N ASP A 135 19.96 -3.90 -20.64
CA ASP A 135 19.53 -4.33 -21.96
C ASP A 135 18.67 -5.58 -21.88
N MET A 136 19.04 -6.52 -21.02
CA MET A 136 18.24 -7.71 -20.82
C MET A 136 16.86 -7.35 -20.31
N ALA A 137 16.79 -6.43 -19.34
CA ALA A 137 15.51 -6.03 -18.78
C ALA A 137 14.66 -5.30 -19.81
N ARG A 138 15.26 -4.41 -20.59
CA ARG A 138 14.51 -3.69 -21.61
C ARG A 138 13.87 -4.65 -22.61
N ARG A 139 14.67 -5.57 -23.15
CA ARG A 139 14.14 -6.49 -24.16
C ARG A 139 13.09 -7.41 -23.55
N TRP A 140 13.30 -7.86 -22.30
CA TRP A 140 12.34 -8.74 -21.67
C TRP A 140 11.04 -7.99 -21.37
N LEU A 141 11.13 -6.75 -20.90
CA LEU A 141 9.93 -5.97 -20.61
C LEU A 141 9.17 -5.64 -21.89
N MET A 142 9.89 -5.29 -22.96
CA MET A 142 9.22 -4.97 -24.22
C MET A 142 8.49 -6.17 -24.80
N ARG A 143 8.97 -7.39 -24.52
CA ARG A 143 8.30 -8.59 -24.99
C ARG A 143 7.10 -8.95 -24.11
N ASN A 144 7.25 -8.86 -22.80
CA ASN A 144 6.25 -9.42 -21.89
C ASN A 144 5.14 -8.43 -21.55
N ILE A 145 5.30 -7.14 -21.81
CA ILE A 145 4.16 -6.24 -21.80
C ILE A 145 3.11 -6.74 -22.77
N ARG A 146 3.55 -7.20 -23.95
CA ARG A 146 2.65 -7.78 -24.94
C ARG A 146 1.96 -9.03 -24.42
N VAL A 147 2.66 -9.82 -23.60
CA VAL A 147 2.09 -11.08 -23.13
C VAL A 147 0.81 -10.84 -22.33
N GLU A 148 0.73 -9.72 -21.62
CA GLU A 148 -0.44 -9.40 -20.81
C GLU A 148 -1.61 -8.85 -21.63
N LEU A 149 -1.50 -8.82 -22.96
CA LEU A 149 -2.49 -8.16 -23.80
C LEU A 149 -3.92 -8.51 -23.39
N ASN A 150 -4.23 -9.80 -23.29
CA ASN A 150 -5.60 -10.26 -23.08
C ASN A 150 -5.89 -10.67 -21.65
N HIS A 151 -4.95 -10.52 -20.73
CA HIS A 151 -5.11 -11.13 -19.41
C HIS A 151 -6.14 -10.40 -18.56
N ALA A 152 -6.22 -9.07 -18.66
CA ALA A 152 -7.27 -8.34 -17.96
C ALA A 152 -8.63 -8.84 -18.41
N ASP A 153 -8.82 -9.04 -19.71
CA ASP A 153 -10.08 -9.59 -20.21
C ASP A 153 -10.35 -10.96 -19.61
N TYR A 154 -9.32 -11.81 -19.52
CA TYR A 154 -9.50 -13.14 -18.95
C TYR A 154 -9.91 -13.06 -17.48
N TRP A 155 -9.35 -12.10 -16.74
CA TRP A 155 -9.77 -11.93 -15.35
C TRP A 155 -11.22 -11.48 -15.28
N VAL A 156 -11.64 -10.61 -16.20
CA VAL A 156 -13.04 -10.22 -16.27
C VAL A 156 -13.92 -11.44 -16.51
N HIS A 157 -13.48 -12.34 -17.39
CA HIS A 157 -14.27 -13.53 -17.69
C HIS A 157 -14.32 -14.47 -16.50
N TRP A 158 -13.19 -14.66 -15.83
CA TRP A 158 -13.17 -15.47 -14.61
C TRP A 158 -14.13 -14.89 -13.58
N SER A 159 -14.05 -13.58 -13.35
CA SER A 159 -14.92 -12.93 -12.38
C SER A 159 -16.39 -13.11 -12.75
N ARG A 160 -16.73 -12.94 -14.02
CA ARG A 160 -18.13 -13.05 -14.44
C ARG A 160 -18.69 -14.44 -14.16
N ALA A 161 -17.85 -15.47 -14.21
CA ALA A 161 -18.31 -16.82 -13.89
C ALA A 161 -18.73 -16.97 -12.44
N HIS A 162 -18.34 -16.02 -11.58
CA HIS A 162 -18.76 -16.01 -10.17
C HIS A 162 -19.73 -14.87 -9.87
N GLY A 163 -20.37 -14.33 -10.90
CA GLY A 163 -21.34 -13.26 -10.71
C GLY A 163 -20.75 -11.90 -10.45
N VAL A 164 -19.44 -11.74 -10.62
CA VAL A 164 -18.77 -10.46 -10.40
C VAL A 164 -18.74 -9.72 -11.74
N THR A 165 -19.45 -8.60 -11.80
CA THR A 165 -19.56 -7.84 -13.04
C THR A 165 -18.36 -6.91 -13.22
N LEU A 166 -18.19 -6.43 -14.45
CA LEU A 166 -17.19 -5.41 -14.70
C LEU A 166 -17.41 -4.20 -13.79
N GLU A 167 -18.67 -3.84 -13.57
CA GLU A 167 -18.98 -2.74 -12.66
C GLU A 167 -18.51 -3.05 -11.24
N ASP A 168 -18.69 -4.30 -10.80
CA ASP A 168 -18.21 -4.69 -9.48
C ASP A 168 -16.69 -4.56 -9.38
N LEU A 169 -15.98 -4.99 -10.43
CA LEU A 169 -14.53 -4.86 -10.44
C LEU A 169 -14.11 -3.39 -10.35
N GLN A 170 -14.79 -2.51 -11.09
CA GLN A 170 -14.40 -1.12 -11.12
C GLN A 170 -14.73 -0.41 -9.81
N ALA A 171 -15.78 -0.83 -9.12
CA ALA A 171 -16.20 -0.16 -7.89
C ALA A 171 -15.23 -0.44 -6.74
N GLN A 172 -14.55 -1.58 -6.74
CA GLN A 172 -13.46 -1.86 -5.79
C GLN A 172 -13.93 -1.74 -4.35
N GLN A 173 -15.08 -2.34 -4.04
CA GLN A 173 -15.64 -2.33 -2.69
C GLN A 173 -15.11 -3.52 -1.91
N VAL A 174 -13.85 -3.41 -1.47
CA VAL A 174 -13.20 -4.47 -0.70
C VAL A 174 -12.45 -3.86 0.46
N PRO A 175 -12.11 -4.67 1.47
CA PRO A 175 -11.38 -4.14 2.62
C PRO A 175 -10.02 -3.61 2.22
N PRO A 176 -9.43 -2.72 3.04
CA PRO A 176 -8.13 -2.14 2.66
C PRO A 176 -6.99 -3.13 2.73
N GLU A 177 -7.08 -4.18 3.56
CA GLU A 177 -6.04 -5.20 3.57
C GLU A 177 -5.82 -5.78 2.18
N LEU A 178 -6.86 -5.79 1.35
CA LEU A 178 -6.76 -6.35 0.01
C LEU A 178 -6.14 -5.38 -1.00
N HIS A 179 -6.18 -4.08 -0.74
CA HIS A 179 -5.62 -3.11 -1.66
C HIS A 179 -4.15 -2.79 -1.38
N ALA A 180 -3.62 -3.20 -0.22
CA ALA A 180 -2.24 -2.86 0.10
C ALA A 180 -1.29 -3.33 -0.98
N LEU A 181 -1.51 -4.54 -1.51
CA LEU A 181 -0.61 -5.09 -2.53
C LEU A 181 -0.50 -4.15 -3.72
N SER A 182 -1.64 -3.64 -4.21
CA SER A 182 -1.63 -2.77 -5.38
C SER A 182 -0.91 -1.46 -5.09
N HIS A 183 -1.10 -0.89 -3.90
CA HIS A 183 -0.41 0.34 -3.56
C HIS A 183 1.10 0.12 -3.49
N TRP A 184 1.51 -1.03 -2.94
CA TRP A 184 2.94 -1.37 -2.92
C TRP A 184 3.49 -1.52 -4.32
N CYS A 185 2.76 -2.23 -5.20
CA CYS A 185 3.23 -2.43 -6.57
C CYS A 185 3.45 -1.12 -7.29
N TRP A 186 2.50 -0.18 -7.17
CA TRP A 186 2.67 1.10 -7.84
C TRP A 186 3.85 1.87 -7.24
N HIS A 187 4.01 1.83 -5.93
CA HIS A 187 5.08 2.60 -5.30
C HIS A 187 6.45 2.10 -5.73
N THR A 188 6.66 0.78 -5.67
CA THR A 188 7.97 0.24 -6.04
C THR A 188 8.22 0.43 -7.53
N SER A 189 7.21 0.21 -8.36
CA SER A 189 7.39 0.42 -9.80
C SER A 189 7.71 1.89 -10.10
N SER A 190 7.14 2.82 -9.33
CA SER A 190 7.32 4.24 -9.56
C SER A 190 8.60 4.80 -8.94
N ALA A 191 8.98 4.36 -7.74
CA ALA A 191 10.01 5.04 -6.99
C ALA A 191 11.27 4.20 -6.74
N ASP A 192 11.18 2.88 -6.78
CA ASP A 192 12.35 2.07 -6.51
C ASP A 192 13.21 1.90 -7.76
N SER A 193 14.42 1.39 -7.55
CA SER A 193 15.32 1.09 -8.64
C SER A 193 14.74 -0.01 -9.52
N LEU A 194 15.26 -0.08 -10.75
CA LEU A 194 14.85 -1.12 -11.68
C LEU A 194 14.98 -2.50 -11.05
N ILE A 195 16.13 -2.81 -10.46
CA ILE A 195 16.35 -4.15 -9.95
C ILE A 195 15.37 -4.46 -8.82
N VAL A 196 15.12 -3.51 -7.92
CA VAL A 196 14.24 -3.78 -6.80
C VAL A 196 12.80 -3.97 -7.27
N ALA A 197 12.35 -3.13 -8.21
CA ALA A 197 10.98 -3.19 -8.68
C ALA A 197 10.70 -4.46 -9.47
N ILE A 198 11.66 -4.91 -10.27
CA ILE A 198 11.50 -6.19 -10.96
C ILE A 198 11.43 -7.31 -9.95
N ALA A 199 12.27 -7.27 -8.92
CA ALA A 199 12.22 -8.30 -7.87
C ALA A 199 10.86 -8.32 -7.19
N ALA A 200 10.29 -7.15 -6.92
CA ALA A 200 9.03 -7.08 -6.18
C ALA A 200 7.84 -7.53 -7.03
N THR A 201 7.86 -7.26 -8.33
CA THR A 201 6.69 -7.54 -9.17
C THR A 201 6.89 -8.78 -10.04
N ASN A 202 7.86 -8.76 -10.96
CA ASN A 202 8.00 -9.84 -11.92
C ASN A 202 8.57 -11.10 -11.29
N TYR A 203 9.44 -10.98 -10.30
CA TYR A 203 9.94 -12.20 -9.65
C TYR A 203 8.97 -12.68 -8.58
N ALA A 204 8.69 -11.85 -7.59
CA ALA A 204 7.92 -12.28 -6.43
C ALA A 204 6.47 -12.58 -6.79
N ILE A 205 5.77 -11.61 -7.40
CA ILE A 205 4.33 -11.77 -7.62
C ILE A 205 4.05 -12.77 -8.74
N GLU A 206 4.78 -12.67 -9.86
CA GLU A 206 4.55 -13.62 -10.94
C GLU A 206 4.93 -15.04 -10.52
N GLY A 207 6.05 -15.18 -9.80
CA GLY A 207 6.45 -16.50 -9.33
C GLY A 207 5.41 -17.11 -8.41
N ALA A 208 5.01 -16.37 -7.37
CA ALA A 208 3.98 -16.87 -6.47
C ALA A 208 2.69 -17.18 -7.23
N THR A 209 2.37 -16.36 -8.23
CA THR A 209 1.10 -16.52 -8.94
C THR A 209 1.12 -17.76 -9.82
N GLY A 210 2.26 -18.07 -10.43
CA GLY A 210 2.38 -19.33 -11.14
C GLY A 210 2.09 -20.52 -10.25
N GLU A 211 2.51 -20.44 -8.98
CA GLU A 211 2.35 -21.59 -8.08
C GLU A 211 0.97 -21.67 -7.47
N TRP A 212 0.35 -20.54 -7.08
CA TRP A 212 -0.99 -20.66 -6.52
C TRP A 212 -2.03 -20.95 -7.59
N SER A 213 -1.84 -20.43 -8.82
CA SER A 213 -2.76 -20.80 -9.90
C SER A 213 -2.64 -22.29 -10.21
N ALA A 214 -1.43 -22.83 -10.17
CA ALA A 214 -1.24 -24.27 -10.38
C ALA A 214 -1.93 -25.07 -9.27
N LEU A 215 -1.79 -24.62 -8.02
CA LEU A 215 -2.45 -25.30 -6.91
C LEU A 215 -3.96 -25.34 -7.10
N VAL A 216 -4.55 -24.21 -7.51
CA VAL A 216 -5.99 -24.15 -7.69
C VAL A 216 -6.45 -25.13 -8.77
N CYS A 217 -5.62 -25.35 -9.78
CA CYS A 217 -5.97 -26.21 -10.91
C CYS A 217 -5.55 -27.66 -10.72
N SER A 218 -4.94 -28.00 -9.57
CA SER A 218 -4.14 -29.21 -9.48
C SER A 218 -4.95 -30.50 -9.40
N ASN A 219 -6.23 -30.47 -9.04
CA ASN A 219 -6.97 -31.72 -8.90
C ASN A 219 -8.28 -31.78 -9.70
N GLY A 220 -8.61 -30.76 -10.48
CA GLY A 220 -9.74 -30.81 -11.37
C GLY A 220 -11.08 -30.47 -10.76
N ILE A 221 -11.17 -30.38 -9.44
CA ILE A 221 -12.48 -30.17 -8.80
C ILE A 221 -13.04 -28.80 -9.14
N TYR A 222 -12.23 -27.74 -8.97
CA TYR A 222 -12.72 -26.40 -9.24
C TYR A 222 -13.20 -26.26 -10.69
N ALA A 223 -12.44 -26.80 -11.64
CA ALA A 223 -12.82 -26.64 -13.05
C ALA A 223 -14.06 -27.46 -13.40
N ALA A 224 -14.12 -28.71 -12.94
CA ALA A 224 -15.27 -29.56 -13.23
C ALA A 224 -16.55 -29.03 -12.60
N ALA A 225 -16.45 -28.22 -11.56
CA ALA A 225 -17.63 -27.65 -10.92
C ALA A 225 -18.33 -26.63 -11.82
N PHE A 226 -17.60 -26.01 -12.76
CA PHE A 226 -18.23 -25.09 -13.70
C PHE A 226 -19.06 -25.88 -14.72
N PRO A 227 -20.23 -25.38 -15.11
CA PRO A 227 -20.98 -26.01 -16.19
C PRO A 227 -20.16 -26.08 -17.48
N GLU A 228 -20.45 -27.12 -18.27
CA GLU A 228 -19.70 -27.40 -19.49
C GLU A 228 -19.52 -26.15 -20.35
N GLU A 229 -20.62 -25.47 -20.65
CA GLU A 229 -20.58 -24.37 -21.61
C GLU A 229 -19.85 -23.14 -21.08
N ASP A 230 -19.54 -23.09 -19.78
CA ASP A 230 -18.91 -21.92 -19.18
C ASP A 230 -17.47 -22.15 -18.76
N ARG A 231 -16.99 -23.39 -18.80
CA ARG A 231 -15.74 -23.75 -18.12
C ARG A 231 -14.52 -23.13 -18.80
N LYS A 232 -14.40 -23.29 -20.12
CA LYS A 232 -13.20 -22.82 -20.80
C LYS A 232 -12.99 -21.32 -20.61
N ARG A 233 -14.04 -20.54 -20.81
CA ARG A 233 -13.95 -19.09 -20.64
C ARG A 233 -13.65 -18.74 -19.19
N ALA A 234 -14.22 -19.47 -18.24
CA ALA A 234 -14.02 -19.16 -16.84
C ALA A 234 -12.60 -19.50 -16.39
N MET A 235 -12.04 -20.59 -16.90
CA MET A 235 -10.75 -21.09 -16.45
C MET A 235 -9.57 -20.47 -17.20
N LYS A 236 -9.82 -19.61 -18.20
CA LYS A 236 -8.76 -19.16 -19.09
C LYS A 236 -7.61 -18.50 -18.32
N TRP A 237 -7.94 -17.51 -17.46
CA TRP A 237 -6.89 -16.80 -16.74
C TRP A 237 -6.04 -17.77 -15.92
N LEU A 238 -6.69 -18.64 -15.14
CA LEU A 238 -5.95 -19.61 -14.33
C LEU A 238 -5.06 -20.50 -15.19
N LYS A 239 -5.58 -20.98 -16.32
CA LYS A 239 -4.79 -21.87 -17.16
C LYS A 239 -3.59 -21.13 -17.77
N MET A 240 -3.78 -19.88 -18.19
CA MET A 240 -2.68 -19.15 -18.79
C MET A 240 -1.55 -18.91 -17.80
N HIS A 241 -1.86 -18.90 -16.49
CA HIS A 241 -0.84 -18.62 -15.49
C HIS A 241 -0.37 -19.86 -14.74
N ALA A 242 -1.16 -20.94 -14.76
CA ALA A 242 -0.77 -22.18 -14.09
C ALA A 242 0.30 -22.91 -14.90
N ASP A 246 6.54 -22.32 -15.61
CA ASP A 246 6.57 -20.96 -16.14
C ASP A 246 7.99 -20.39 -16.04
N ALA A 247 8.50 -19.89 -17.17
CA ALA A 247 9.85 -19.35 -17.21
C ALA A 247 9.92 -17.93 -16.68
N HIS A 248 8.79 -17.21 -16.65
CA HIS A 248 8.79 -15.78 -16.34
C HIS A 248 9.53 -15.47 -15.05
N PRO A 249 9.19 -16.09 -13.91
CA PRO A 249 9.90 -15.75 -12.67
C PRO A 249 11.40 -16.01 -12.74
N TRP A 250 11.82 -17.07 -13.44
CA TRP A 250 13.24 -17.36 -13.55
C TRP A 250 13.93 -16.40 -14.51
N GLU A 251 13.24 -16.00 -15.57
CA GLU A 251 13.78 -14.97 -16.45
C GLU A 251 13.96 -13.65 -15.69
N ALA A 252 13.00 -13.30 -14.85
CA ALA A 252 13.14 -12.11 -14.01
C ALA A 252 14.32 -12.24 -13.07
N LEU A 253 14.49 -13.42 -12.45
CA LEU A 253 15.62 -13.62 -11.56
C LEU A 253 16.95 -13.48 -12.31
N GLU A 254 17.05 -14.08 -13.50
CA GLU A 254 18.26 -13.97 -14.29
C GLU A 254 18.60 -12.51 -14.58
N ILE A 255 17.58 -11.69 -14.83
CA ILE A 255 17.79 -10.26 -15.04
C ILE A 255 18.30 -9.60 -13.76
N ILE A 256 17.68 -9.92 -12.63
CA ILE A 256 18.10 -9.36 -11.35
C ILE A 256 19.56 -9.72 -11.07
N VAL A 257 19.92 -10.98 -11.28
CA VAL A 257 21.29 -11.41 -11.03
C VAL A 257 22.25 -10.70 -11.97
N THR A 258 21.87 -10.55 -13.25
CA THR A 258 22.75 -9.85 -14.18
C THR A 258 22.95 -8.41 -13.76
N LEU A 259 21.89 -7.74 -13.31
CA LEU A 259 22.02 -6.37 -12.83
C LEU A 259 22.91 -6.28 -11.61
N ALA A 260 22.76 -7.22 -10.66
CA ALA A 260 23.51 -7.14 -9.41
C ALA A 260 24.94 -7.67 -9.55
N GLY A 261 25.19 -8.58 -10.48
CA GLY A 261 26.50 -9.15 -10.63
C GLY A 261 26.78 -10.27 -9.63
N LEU A 262 28.07 -10.64 -9.56
CA LEU A 262 28.47 -11.78 -8.75
C LEU A 262 28.73 -11.42 -7.29
N ASN A 263 28.90 -10.12 -7.00
N ASN A 263 28.99 -10.16 -6.96
CA ASN A 263 29.34 -9.66 -5.68
CA ASN A 263 29.28 -9.76 -5.58
C ASN A 263 28.59 -8.40 -5.29
C ASN A 263 28.59 -8.45 -5.26
N PRO A 264 27.26 -8.46 -5.22
CA PRO A 264 26.52 -7.27 -4.77
C PRO A 264 26.77 -7.02 -3.30
N THR A 265 26.65 -5.75 -2.91
CA THR A 265 26.79 -5.39 -1.50
C THR A 265 25.72 -6.09 -0.67
N LYS A 266 26.03 -6.28 0.62
CA LYS A 266 25.02 -6.79 1.54
C LYS A 266 23.81 -5.88 1.58
N ALA A 267 24.02 -4.57 1.42
CA ALA A 267 22.91 -3.63 1.47
C ALA A 267 21.94 -3.85 0.31
N LEU A 268 22.49 -4.06 -0.90
CA LEU A 268 21.62 -4.33 -2.04
C LEU A 268 20.90 -5.66 -1.87
N GLN A 269 21.61 -6.70 -1.40
CA GLN A 269 20.96 -7.98 -1.15
C GLN A 269 19.82 -7.82 -0.16
N ALA A 270 20.03 -7.03 0.89
CA ALA A 270 18.98 -6.81 1.88
C ALA A 270 17.80 -6.05 1.29
N GLU A 271 18.09 -5.08 0.41
CA GLU A 271 17.00 -4.36 -0.25
C GLU A 271 16.16 -5.29 -1.10
N LEU A 272 16.80 -6.21 -1.83
CA LEU A 272 16.07 -7.18 -2.63
C LEU A 272 15.24 -8.11 -1.74
N ARG A 273 15.88 -8.66 -0.69
CA ARG A 273 15.16 -9.57 0.21
C ARG A 273 13.94 -8.89 0.81
N GLN A 274 14.08 -7.66 1.27
CA GLN A 274 12.97 -6.99 1.92
C GLN A 274 11.86 -6.64 0.94
N ALA A 275 12.22 -6.26 -0.29
CA ALA A 275 11.21 -5.97 -1.31
C ALA A 275 10.45 -7.24 -1.70
N ILE A 276 11.17 -8.34 -1.90
CA ILE A 276 10.52 -9.60 -2.28
C ILE A 276 9.60 -10.07 -1.16
N CYS A 277 10.07 -10.05 0.08
CA CYS A 277 9.23 -10.50 1.19
C CYS A 277 8.05 -9.56 1.41
N LYS A 278 8.22 -8.27 1.13
CA LYS A 278 7.10 -7.34 1.25
C LYS A 278 5.99 -7.72 0.27
N SER A 279 6.35 -8.09 -0.95
CA SER A 279 5.35 -8.53 -1.92
C SER A 279 4.63 -9.78 -1.42
N TYR A 280 5.39 -10.79 -0.98
CA TYR A 280 4.76 -11.98 -0.43
C TYR A 280 3.88 -11.63 0.75
N ASP A 281 4.39 -10.80 1.66
CA ASP A 281 3.66 -10.51 2.89
C ASP A 281 2.36 -9.76 2.61
N TYR A 282 2.35 -8.90 1.59
CA TYR A 282 1.08 -8.24 1.24
C TYR A 282 0.12 -9.21 0.58
N MET A 283 0.62 -10.19 -0.17
CA MET A 283 -0.24 -11.27 -0.62
C MET A 283 -0.79 -12.04 0.57
N TYR A 284 0.06 -12.31 1.57
CA TYR A 284 -0.38 -13.03 2.76
C TYR A 284 -1.44 -12.24 3.52
N LEU A 285 -1.23 -10.93 3.68
CA LEU A 285 -2.22 -10.08 4.33
C LEU A 285 -3.57 -10.17 3.64
N PHE A 286 -3.55 -10.09 2.30
CA PHE A 286 -4.72 -10.27 1.46
C PHE A 286 -5.45 -11.58 1.77
N LEU A 287 -4.69 -12.69 1.75
CA LEU A 287 -5.29 -14.01 1.95
C LEU A 287 -5.80 -14.20 3.37
N GLU A 288 -5.08 -13.70 4.36
CA GLU A 288 -5.54 -13.81 5.74
C GLU A 288 -6.88 -13.11 5.93
N ARG A 289 -7.02 -11.90 5.37
CA ARG A 289 -8.28 -11.17 5.47
C ARG A 289 -9.41 -11.92 4.79
N CYS A 290 -9.14 -12.51 3.63
CA CYS A 290 -10.17 -13.30 2.95
C CYS A 290 -10.61 -14.48 3.81
N MET A 291 -9.66 -15.17 4.43
CA MET A 291 -10.03 -16.34 5.23
C MET A 291 -10.80 -15.95 6.49
N GLN A 292 -10.59 -14.74 6.98
CA GLN A 292 -11.42 -14.22 8.07
C GLN A 292 -12.88 -14.14 7.63
N GLN A 293 -13.14 -13.59 6.45
CA GLN A 293 -14.50 -13.54 5.93
C GLN A 293 -15.02 -14.95 5.62
N GLU A 294 -14.15 -15.84 5.15
CA GLU A 294 -14.56 -17.21 4.88
C GLU A 294 -15.09 -17.88 6.13
N LYS A 295 -14.33 -17.80 7.22
CA LYS A 295 -14.75 -18.43 8.47
C LYS A 295 -16.08 -17.87 8.94
N THR A 296 -16.28 -16.55 8.80
CA THR A 296 -17.55 -15.94 9.19
C THR A 296 -18.69 -16.40 8.29
N ALA A 297 -18.46 -16.44 6.99
CA ALA A 297 -19.53 -16.83 6.06
C ALA A 297 -19.92 -18.28 6.26
N VAL A 298 -18.94 -19.18 6.42
CA VAL A 298 -19.26 -20.59 6.55
C VAL A 298 -19.89 -20.88 7.92
N THR A 299 -19.34 -20.29 8.98
CA THR A 299 -19.91 -20.49 10.31
C THR A 299 -21.37 -20.06 10.36
N ARG A 300 -21.69 -18.92 9.76
CA ARG A 300 -23.07 -18.44 9.77
C ARG A 300 -24.02 -19.46 9.18
N GLU A 301 -23.65 -20.07 8.05
CA GLU A 301 -24.54 -21.05 7.43
C GLU A 301 -24.53 -22.37 8.19
N ARG A 302 -23.41 -22.71 8.85
CA ARG A 302 -23.39 -23.93 9.65
C ARG A 302 -24.32 -23.81 10.84
N LEU A 303 -24.30 -22.67 11.53
CA LEU A 303 -25.15 -22.47 12.69
C LEU A 303 -26.61 -22.27 12.29
N ALA A 304 -26.86 -21.69 11.12
CA ALA A 304 -28.22 -21.46 10.64
C ALA A 304 -28.90 -22.79 10.31
N THR B 51 -19.95 27.34 -7.88
CA THR B 51 -18.92 28.13 -7.23
C THR B 51 -19.20 28.26 -5.73
N PHE B 52 -18.18 28.01 -4.90
CA PHE B 52 -18.32 28.01 -3.46
C PHE B 52 -17.40 29.04 -2.83
N SER B 53 -17.96 29.82 -1.90
CA SER B 53 -17.17 30.71 -1.06
C SER B 53 -17.73 30.62 0.36
N ARG B 54 -16.82 30.58 1.33
CA ARG B 54 -17.20 30.36 2.72
C ARG B 54 -17.44 31.69 3.44
N GLY B 56 -18.97 31.26 6.94
CA GLY B 56 -18.91 30.97 8.37
C GLY B 56 -17.50 30.79 8.86
N PRO B 57 -17.35 30.43 10.14
CA PRO B 57 -16.01 30.24 10.71
C PRO B 57 -15.29 29.09 10.01
N LEU B 58 -13.96 29.12 10.11
CA LEU B 58 -13.14 28.14 9.39
C LEU B 58 -13.37 26.73 9.93
N MET B 59 -13.42 26.57 11.25
CA MET B 59 -13.34 25.25 11.88
C MET B 59 -14.70 24.76 12.34
N GLU B 60 -15.73 24.86 11.49
CA GLU B 60 -17.05 24.35 11.81
C GLU B 60 -17.66 23.73 10.55
N ALA B 61 -18.17 22.50 10.68
CA ALA B 61 -18.78 21.82 9.54
C ALA B 61 -19.95 22.62 8.98
N ALA B 62 -20.60 23.44 9.82
CA ALA B 62 -21.76 24.19 9.37
C ALA B 62 -21.41 25.16 8.25
N SER B 63 -20.19 25.69 8.24
CA SER B 63 -19.78 26.69 7.27
C SER B 63 -19.65 26.14 5.85
N TYR B 64 -19.82 24.83 5.66
CA TYR B 64 -19.63 24.21 4.36
C TYR B 64 -20.92 23.54 3.89
N PRO B 65 -21.02 23.22 2.60
CA PRO B 65 -22.31 22.75 2.05
C PRO B 65 -22.87 21.50 2.70
N ALA B 66 -24.03 21.05 2.20
CA ALA B 66 -24.69 19.88 2.77
C ALA B 66 -23.95 18.60 2.45
N TRP B 67 -23.53 18.43 1.20
CA TRP B 67 -22.81 17.22 0.82
C TRP B 67 -21.52 17.08 1.61
N THR B 68 -20.93 18.20 2.04
CA THR B 68 -19.69 18.15 2.81
C THR B 68 -19.94 17.69 4.23
N GLN B 69 -20.94 18.26 4.89
CA GLN B 69 -21.29 17.81 6.23
C GLN B 69 -21.70 16.34 6.22
N GLN B 70 -22.34 15.89 5.14
CA GLN B 70 -22.64 14.46 5.01
C GLN B 70 -21.37 13.65 4.85
N LEU B 71 -20.41 14.16 4.09
CA LEU B 71 -19.13 13.47 3.93
C LEU B 71 -18.44 13.29 5.28
N ILE B 72 -18.29 14.38 6.03
CA ILE B 72 -17.71 14.29 7.38
C ILE B 72 -18.45 13.24 8.19
N GLN B 73 -19.79 13.27 8.13
CA GLN B 73 -20.58 12.30 8.87
C GLN B 73 -20.30 10.88 8.41
N ASP B 74 -20.16 10.67 7.11
CA ASP B 74 -19.92 9.32 6.59
C ASP B 74 -18.55 8.79 6.98
N CYS B 75 -17.59 9.68 7.24
CA CYS B 75 -16.24 9.27 7.60
C CYS B 75 -15.99 9.25 9.09
N SER B 76 -17.01 9.55 9.92
CA SER B 76 -16.77 9.77 11.34
C SER B 76 -16.31 8.50 12.06
N GLU B 77 -16.91 7.36 11.74
CA GLU B 77 -16.56 6.12 12.44
C GLU B 77 -15.17 5.65 12.04
N SER B 78 -14.84 5.74 10.74
CA SER B 78 -13.48 5.39 10.31
C SER B 78 -12.44 6.24 11.04
N LYS B 79 -12.76 7.52 11.23
CA LYS B 79 -11.87 8.42 11.97
C LYS B 79 -11.83 8.06 13.45
N ARG B 80 -13.00 7.79 14.04
CA ARG B 80 -13.08 7.62 15.49
C ARG B 80 -12.17 6.49 15.98
N ARG B 81 -12.23 5.33 15.32
CA ARG B 81 -11.46 4.21 15.84
C ARG B 81 -9.96 4.44 15.70
N VAL B 82 -9.54 5.46 14.97
CA VAL B 82 -8.13 5.87 14.95
C VAL B 82 -7.82 6.83 16.09
N VAL B 83 -8.58 7.93 16.20
CA VAL B 83 -8.23 8.97 17.16
C VAL B 83 -8.54 8.56 18.59
N GLU B 84 -9.42 7.58 18.81
CA GLU B 84 -9.72 7.08 20.15
C GLU B 84 -9.05 5.73 20.42
N HIS B 85 -8.02 5.38 19.64
CA HIS B 85 -7.46 4.04 19.71
C HIS B 85 -6.78 3.79 21.05
N GLU B 86 -6.82 2.53 21.48
CA GLU B 86 -6.23 2.15 22.76
C GLU B 86 -4.75 2.50 22.82
N LEU B 87 -4.04 2.38 21.70
CA LEU B 87 -2.61 2.66 21.69
C LEU B 87 -2.32 4.07 22.19
N TYR B 88 -3.12 5.04 21.75
CA TYR B 88 -2.88 6.43 22.15
C TYR B 88 -3.24 6.64 23.62
N GLN B 89 -4.33 6.02 24.08
CA GLN B 89 -4.68 6.09 25.49
C GLN B 89 -3.54 5.60 26.36
N ARG B 90 -2.91 4.49 25.96
CA ARG B 90 -1.81 3.95 26.76
C ARG B 90 -0.55 4.80 26.61
N MET B 91 -0.31 5.37 25.43
CA MET B 91 0.81 6.29 25.29
C MET B 91 0.61 7.51 26.18
N ARG B 92 -0.60 8.06 26.19
CA ARG B 92 -0.92 9.22 27.03
C ARG B 92 -0.59 8.94 28.49
N ASP B 93 -0.89 7.73 28.96
CA ASP B 93 -0.73 7.37 30.36
C ASP B 93 0.63 6.78 30.69
N ASN B 94 1.59 6.87 29.77
CA ASN B 94 2.91 6.30 29.99
C ASN B 94 2.82 4.81 30.29
N LYS B 95 1.89 4.13 29.62
CA LYS B 95 1.68 2.70 29.79
C LYS B 95 2.11 1.87 28.59
N LEU B 96 2.47 2.50 27.47
CA LEU B 96 2.91 1.75 26.30
C LEU B 96 4.28 1.13 26.54
N SER B 97 4.40 -0.16 26.26
CA SER B 97 5.69 -0.82 26.37
C SER B 97 6.71 -0.15 25.46
N ALA B 98 7.98 -0.27 25.81
CA ALA B 98 9.03 0.32 25.00
C ALA B 98 9.11 -0.33 23.62
N LYS B 99 8.82 -1.62 23.53
CA LYS B 99 8.89 -2.33 22.25
C LYS B 99 7.88 -1.78 21.26
N VAL B 100 6.67 -1.50 21.73
CA VAL B 100 5.61 -1.01 20.85
C VAL B 100 5.85 0.45 20.48
N MET B 101 6.31 1.25 21.46
CA MET B 101 6.64 2.65 21.16
C MET B 101 7.73 2.72 20.11
N ARG B 102 8.70 1.81 20.17
CA ARG B 102 9.76 1.77 19.16
C ARG B 102 9.20 1.46 17.79
N GLN B 103 8.30 0.47 17.69
CA GLN B 103 7.66 0.16 16.42
C GLN B 103 6.88 1.35 15.88
N TYR B 104 6.14 2.04 16.76
CA TYR B 104 5.34 3.17 16.31
C TYR B 104 6.21 4.27 15.71
N LEU B 105 7.32 4.60 16.38
CA LEU B 105 8.17 5.68 15.90
C LEU B 105 8.85 5.31 14.59
N ILE B 106 9.30 4.06 14.47
CA ILE B 106 9.93 3.61 13.23
C ILE B 106 8.91 3.54 12.11
N GLY B 107 7.77 2.88 12.36
CA GLY B 107 6.78 2.70 11.32
C GLY B 107 6.18 4.01 10.82
N GLY B 108 6.06 5.01 11.70
CA GLY B 108 5.53 6.30 11.29
C GLY B 108 6.52 7.18 10.55
N TRP B 109 7.81 6.86 10.64
CA TRP B 109 8.84 7.74 10.07
C TRP B 109 8.68 7.99 8.58
N PRO B 110 8.38 7.00 7.73
CA PRO B 110 8.30 7.28 6.28
C PRO B 110 7.25 8.32 5.93
N VAL B 111 6.06 8.24 6.54
CA VAL B 111 5.01 9.20 6.21
C VAL B 111 5.42 10.60 6.64
N VAL B 112 6.03 10.72 7.81
CA VAL B 112 6.48 12.03 8.29
C VAL B 112 7.61 12.55 7.40
N GLU B 113 8.61 11.71 7.14
CA GLU B 113 9.78 12.14 6.37
C GLU B 113 9.39 12.60 4.98
N GLN B 114 8.41 11.94 4.37
CA GLN B 114 8.03 12.20 2.99
C GLN B 114 6.79 13.09 2.87
N PHE B 115 6.30 13.65 3.97
CA PHE B 115 5.03 14.35 3.91
C PHE B 115 5.10 15.57 3.00
N ALA B 116 6.18 16.35 3.11
CA ALA B 116 6.36 17.49 2.22
C ALA B 116 6.53 17.04 0.77
N LEU B 117 7.02 15.82 0.56
CA LEU B 117 7.17 15.30 -0.79
C LEU B 117 5.83 14.92 -1.40
N TYR B 118 4.90 14.40 -0.59
CA TYR B 118 3.54 14.21 -1.07
C TYR B 118 2.95 15.52 -1.57
N MET B 119 3.13 16.59 -0.79
CA MET B 119 2.59 17.88 -1.18
C MET B 119 3.28 18.41 -2.43
N ALA B 120 4.61 18.21 -2.53
CA ALA B 120 5.33 18.60 -3.73
C ALA B 120 4.76 17.90 -4.96
N GLN B 121 4.50 16.60 -4.86
CA GLN B 121 3.90 15.88 -5.97
C GLN B 121 2.55 16.46 -6.35
N ASN B 122 1.73 16.80 -5.35
CA ASN B 122 0.43 17.39 -5.63
C ASN B 122 0.58 18.78 -6.24
N LEU B 123 1.59 19.53 -5.81
CA LEU B 123 1.81 20.85 -6.38
C LEU B 123 2.05 20.78 -7.88
N THR B 124 2.65 19.69 -8.37
CA THR B 124 2.94 19.56 -9.79
C THR B 124 1.69 19.29 -10.61
N LYS B 125 0.54 19.04 -9.97
CA LYS B 125 -0.72 18.88 -10.68
C LYS B 125 -1.44 20.21 -10.87
N THR B 126 -0.95 21.30 -10.28
CA THR B 126 -1.64 22.57 -10.31
C THR B 126 -1.20 23.41 -11.50
N ARG B 127 -2.09 24.29 -11.93
CA ARG B 127 -1.81 25.26 -12.99
C ARG B 127 -2.34 26.62 -12.57
N PHE B 128 -1.62 27.66 -12.96
CA PHE B 128 -1.99 29.01 -12.58
C PHE B 128 -3.30 29.42 -13.24
N ALA B 129 -4.25 29.86 -12.42
CA ALA B 129 -5.50 30.47 -12.89
C ALA B 129 -6.35 29.51 -13.71
N ARG B 130 -6.19 28.19 -13.49
CA ARG B 130 -7.04 27.23 -14.16
C ARG B 130 -8.35 26.99 -13.41
N HIS B 131 -8.34 27.16 -12.09
CA HIS B 131 -9.53 27.01 -11.27
C HIS B 131 -9.24 27.64 -9.91
N PRO B 132 -10.16 28.42 -9.32
CA PRO B 132 -9.85 29.06 -8.03
C PRO B 132 -9.38 28.10 -6.96
N GLY B 133 -10.06 26.95 -6.80
CA GLY B 133 -9.57 25.92 -5.90
C GLY B 133 -8.14 25.51 -6.19
N GLU B 134 -7.78 25.40 -7.47
CA GLU B 134 -6.40 25.06 -7.83
C GLU B 134 -5.43 26.12 -7.35
N ASP B 135 -5.76 27.40 -7.59
CA ASP B 135 -4.93 28.48 -7.08
C ASP B 135 -4.84 28.43 -5.56
N MET B 136 -5.96 28.18 -4.90
CA MET B 136 -5.94 28.04 -3.44
C MET B 136 -5.02 26.89 -3.04
N ALA B 137 -5.13 25.75 -3.73
CA ALA B 137 -4.29 24.60 -3.40
C ALA B 137 -2.82 24.92 -3.64
N ARG B 138 -2.51 25.52 -4.80
CA ARG B 138 -1.12 25.86 -5.11
C ARG B 138 -0.52 26.73 -4.01
N ARG B 139 -1.20 27.81 -3.63
CA ARG B 139 -0.66 28.70 -2.62
C ARG B 139 -0.55 27.99 -1.27
N TRP B 140 -1.55 27.18 -0.92
CA TRP B 140 -1.50 26.47 0.36
C TRP B 140 -0.36 25.47 0.38
N LEU B 141 -0.20 24.69 -0.68
CA LEU B 141 0.89 23.72 -0.75
C LEU B 141 2.25 24.41 -0.71
N MET B 142 2.38 25.54 -1.42
CA MET B 142 3.67 26.23 -1.46
C MET B 142 4.04 26.77 -0.09
N ARG B 143 3.06 27.09 0.76
CA ARG B 143 3.35 27.57 2.10
C ARG B 143 3.57 26.43 3.08
N ASN B 144 2.81 25.35 2.96
CA ASN B 144 2.87 24.28 3.96
C ASN B 144 4.02 23.31 3.71
N ILE B 145 4.56 23.25 2.49
CA ILE B 145 5.84 22.56 2.30
C ILE B 145 6.90 23.20 3.17
N ARG B 146 6.92 24.53 3.22
CA ARG B 146 7.83 25.24 4.13
C ARG B 146 7.58 24.84 5.57
N VAL B 147 6.31 24.64 5.95
CA VAL B 147 5.98 24.39 7.36
C VAL B 147 6.66 23.13 7.85
N GLU B 148 6.79 22.12 7.00
CA GLU B 148 7.40 20.85 7.40
C GLU B 148 8.93 20.92 7.45
N LEU B 149 9.52 22.11 7.32
CA LEU B 149 10.97 22.23 7.21
C LEU B 149 11.68 21.39 8.27
N ASN B 150 11.30 21.58 9.53
CA ASN B 150 12.00 20.95 10.65
C ASN B 150 11.27 19.75 11.24
N HIS B 151 10.09 19.40 10.71
CA HIS B 151 9.27 18.39 11.38
C HIS B 151 9.91 17.01 11.32
N ALA B 152 10.60 16.68 10.21
CA ALA B 152 11.33 15.42 10.18
C ALA B 152 12.40 15.39 11.28
N ASP B 153 13.09 16.51 11.49
CA ASP B 153 14.07 16.59 12.57
C ASP B 153 13.41 16.38 13.92
N TYR B 154 12.23 16.98 14.14
CA TYR B 154 11.55 16.83 15.42
C TYR B 154 11.18 15.39 15.68
N TRP B 155 10.75 14.66 14.65
CA TRP B 155 10.46 13.23 14.81
C TRP B 155 11.72 12.47 15.19
N VAL B 156 12.86 12.83 14.58
CA VAL B 156 14.12 12.18 14.95
C VAL B 156 14.43 12.42 16.42
N HIS B 157 14.21 13.66 16.89
CA HIS B 157 14.47 13.97 18.30
C HIS B 157 13.52 13.23 19.22
N TRP B 158 12.22 13.24 18.88
CA TRP B 158 11.25 12.45 19.62
C TRP B 158 11.69 11.00 19.69
N SER B 159 12.05 10.42 18.54
CA SER B 159 12.48 9.02 18.52
C SER B 159 13.72 8.81 19.37
N ARG B 160 14.67 9.75 19.31
CA ARG B 160 15.89 9.62 20.09
C ARG B 160 15.60 9.57 21.58
N ALA B 161 14.60 10.34 22.04
CA ALA B 161 14.23 10.33 23.44
C ALA B 161 13.75 8.96 23.91
N HIS B 162 13.39 8.08 22.98
CA HIS B 162 12.95 6.72 23.31
C HIS B 162 13.99 5.68 22.95
N GLY B 163 15.23 6.08 22.66
CA GLY B 163 16.27 5.14 22.31
C GLY B 163 16.23 4.65 20.88
N VAL B 164 15.43 5.28 20.03
CA VAL B 164 15.34 4.91 18.61
C VAL B 164 16.27 5.85 17.85
N THR B 165 17.33 5.29 17.27
CA THR B 165 18.34 6.08 16.59
C THR B 165 17.90 6.40 15.16
N LEU B 166 18.66 7.29 14.53
CA LEU B 166 18.45 7.57 13.10
C LEU B 166 18.66 6.31 12.28
N GLU B 167 19.66 5.49 12.64
CA GLU B 167 19.85 4.21 11.97
C GLU B 167 18.63 3.32 12.10
N ASP B 168 18.00 3.33 13.29
CA ASP B 168 16.79 2.54 13.48
C ASP B 168 15.67 3.03 12.58
N LEU B 169 15.50 4.36 12.47
CA LEU B 169 14.46 4.90 11.59
C LEU B 169 14.71 4.52 10.14
N GLN B 170 15.97 4.62 9.70
CA GLN B 170 16.28 4.33 8.30
C GLN B 170 16.15 2.83 7.99
N ALA B 171 16.42 1.97 8.97
CA ALA B 171 16.39 0.53 8.71
C ALA B 171 14.97 0.02 8.46
N GLN B 172 13.96 0.63 9.08
CA GLN B 172 12.57 0.31 8.81
C GLN B 172 12.26 -1.16 9.03
N GLN B 173 12.72 -1.69 10.17
CA GLN B 173 12.49 -3.10 10.52
C GLN B 173 11.16 -3.20 11.26
N VAL B 174 10.08 -3.10 10.51
CA VAL B 174 8.73 -3.17 11.07
C VAL B 174 7.86 -4.06 10.20
N PRO B 175 6.73 -4.51 10.74
CA PRO B 175 5.82 -5.37 9.97
C PRO B 175 5.22 -4.64 8.79
N PRO B 176 4.72 -5.37 7.79
CA PRO B 176 4.19 -4.70 6.59
C PRO B 176 2.90 -3.94 6.85
N GLU B 177 2.12 -4.32 7.85
CA GLU B 177 0.94 -3.54 8.20
C GLU B 177 1.28 -2.08 8.47
N LEU B 178 2.50 -1.82 8.96
CA LEU B 178 2.86 -0.45 9.31
C LEU B 178 3.27 0.38 8.10
N HIS B 179 3.71 -0.26 7.01
CA HIS B 179 4.14 0.47 5.83
C HIS B 179 3.01 0.75 4.85
N ALA B 180 1.86 0.08 5.00
CA ALA B 180 0.78 0.25 4.04
C ALA B 180 0.39 1.72 3.91
N LEU B 181 0.37 2.45 5.04
CA LEU B 181 0.00 3.86 4.98
C LEU B 181 0.92 4.64 4.05
N SER B 182 2.22 4.39 4.12
CA SER B 182 3.17 5.14 3.30
C SER B 182 2.99 4.83 1.81
N HIS B 183 2.76 3.55 1.48
CA HIS B 183 2.55 3.19 0.08
C HIS B 183 1.29 3.84 -0.47
N TRP B 184 0.22 3.87 0.34
CA TRP B 184 -1.01 4.53 -0.09
C TRP B 184 -0.80 6.01 -0.30
N CYS B 185 -0.07 6.67 0.62
CA CYS B 185 0.18 8.10 0.46
C CYS B 185 0.92 8.39 -0.83
N TRP B 186 1.96 7.60 -1.14
CA TRP B 186 2.71 7.84 -2.36
C TRP B 186 1.85 7.59 -3.60
N HIS B 187 1.04 6.53 -3.58
CA HIS B 187 0.24 6.20 -4.75
C HIS B 187 -0.79 7.28 -5.05
N THR B 188 -1.53 7.72 -4.02
CA THR B 188 -2.55 8.74 -4.25
C THR B 188 -1.92 10.07 -4.63
N SER B 189 -0.84 10.45 -3.95
CA SER B 189 -0.14 11.68 -4.32
C SER B 189 0.38 11.60 -5.75
N SER B 190 0.77 10.41 -6.20
CA SER B 190 1.38 10.24 -7.51
C SER B 190 0.34 10.14 -8.63
N ALA B 191 -0.74 9.38 -8.40
CA ALA B 191 -1.64 8.99 -9.49
C ALA B 191 -3.06 9.54 -9.37
N ASP B 192 -3.52 9.86 -8.17
CA ASP B 192 -4.89 10.34 -8.04
C ASP B 192 -4.98 11.83 -8.37
N SER B 193 -6.21 12.29 -8.53
CA SER B 193 -6.45 13.70 -8.80
C SER B 193 -5.98 14.56 -7.63
N LEU B 194 -5.82 15.85 -7.91
CA LEU B 194 -5.43 16.81 -6.88
C LEU B 194 -6.38 16.76 -5.69
N ILE B 195 -7.69 16.79 -5.97
CA ILE B 195 -8.67 16.88 -4.89
C ILE B 195 -8.65 15.62 -4.05
N VAL B 196 -8.57 14.44 -4.68
CA VAL B 196 -8.55 13.19 -3.92
C VAL B 196 -7.28 13.10 -3.09
N ALA B 197 -6.13 13.44 -3.67
CA ALA B 197 -4.87 13.33 -2.95
C ALA B 197 -4.83 14.24 -1.74
N ILE B 198 -5.34 15.47 -1.88
CA ILE B 198 -5.39 16.38 -0.74
C ILE B 198 -6.31 15.82 0.34
N ALA B 199 -7.43 15.21 -0.06
CA ALA B 199 -8.35 14.63 0.90
C ALA B 199 -7.68 13.47 1.64
N ALA B 200 -6.92 12.65 0.94
CA ALA B 200 -6.34 11.46 1.56
C ALA B 200 -5.19 11.83 2.49
N THR B 201 -4.40 12.83 2.13
CA THR B 201 -3.19 13.17 2.90
C THR B 201 -3.40 14.36 3.82
N ASN B 202 -3.76 15.51 3.27
CA ASN B 202 -3.78 16.74 4.05
C ASN B 202 -5.04 16.86 4.91
N TYR B 203 -6.19 16.37 4.44
CA TYR B 203 -7.37 16.40 5.28
C TYR B 203 -7.39 15.23 6.26
N ALA B 204 -7.31 14.01 5.75
CA ALA B 204 -7.52 12.84 6.60
C ALA B 204 -6.37 12.64 7.58
N ILE B 205 -5.14 12.55 7.08
CA ILE B 205 -4.02 12.19 7.95
C ILE B 205 -3.67 13.34 8.89
N GLU B 206 -3.59 14.56 8.37
CA GLU B 206 -3.25 15.69 9.24
C GLU B 206 -4.34 15.92 10.28
N GLY B 207 -5.61 15.82 9.86
CA GLY B 207 -6.70 15.99 10.81
C GLY B 207 -6.67 14.96 11.92
N ALA B 208 -6.61 13.67 11.55
CA ALA B 208 -6.50 12.64 12.57
C ALA B 208 -5.26 12.84 13.43
N THR B 209 -4.16 13.31 12.82
CA THR B 209 -2.92 13.49 13.57
C THR B 209 -3.04 14.62 14.59
N GLY B 210 -3.77 15.69 14.23
CA GLY B 210 -4.03 16.72 15.23
C GLY B 210 -4.74 16.19 16.44
N GLU B 211 -5.61 15.19 16.24
CA GLU B 211 -6.43 14.69 17.34
C GLU B 211 -5.68 13.66 18.19
N TRP B 212 -4.94 12.73 17.58
CA TRP B 212 -4.25 11.75 18.41
C TRP B 212 -3.03 12.37 19.09
N SER B 213 -2.40 13.36 18.47
CA SER B 213 -1.31 14.06 19.14
C SER B 213 -1.81 14.83 20.35
N ALA B 214 -2.99 15.46 20.23
CA ALA B 214 -3.59 16.14 21.38
C ALA B 214 -3.95 15.13 22.47
N LEU B 215 -4.56 14.01 22.08
CA LEU B 215 -4.91 12.99 23.06
C LEU B 215 -3.68 12.53 23.83
N VAL B 216 -2.58 12.28 23.11
CA VAL B 216 -1.36 11.79 23.77
C VAL B 216 -0.87 12.78 24.81
N CYS B 217 -1.02 14.08 24.54
CA CYS B 217 -0.54 15.13 25.43
C CYS B 217 -1.58 15.58 26.44
N SER B 218 -2.76 14.93 26.47
CA SER B 218 -3.93 15.55 27.09
C SER B 218 -3.80 15.67 28.61
N ASN B 219 -3.11 14.76 29.28
CA ASN B 219 -3.09 14.76 30.74
C ASN B 219 -1.69 14.89 31.34
N GLY B 220 -0.67 15.18 30.52
CA GLY B 220 0.64 15.50 31.02
C GLY B 220 1.48 14.34 31.52
N ILE B 221 0.88 13.16 31.71
CA ILE B 221 1.64 12.04 32.28
C ILE B 221 2.76 11.63 31.33
N TYR B 222 2.45 11.51 30.04
CA TYR B 222 3.45 11.08 29.07
C TYR B 222 4.67 12.00 29.11
N ALA B 223 4.44 13.31 29.00
CA ALA B 223 5.56 14.25 29.00
C ALA B 223 6.30 14.24 30.33
N ALA B 224 5.58 14.03 31.43
CA ALA B 224 6.22 14.01 32.75
C ALA B 224 7.22 12.88 32.87
N ALA B 225 7.08 11.81 32.06
CA ALA B 225 7.99 10.68 32.15
C ALA B 225 9.38 11.00 31.60
N PHE B 226 9.48 12.00 30.72
CA PHE B 226 10.79 12.37 30.19
C PHE B 226 11.61 13.08 31.26
N PRO B 227 12.93 12.91 31.25
CA PRO B 227 13.77 13.73 32.12
C PRO B 227 13.59 15.21 31.82
N GLU B 228 13.70 16.02 32.88
CA GLU B 228 13.43 17.45 32.77
C GLU B 228 14.20 18.08 31.61
N GLU B 229 15.49 17.81 31.51
CA GLU B 229 16.34 18.48 30.52
C GLU B 229 16.14 17.93 29.11
N ASP B 230 15.36 16.86 28.94
CA ASP B 230 15.11 16.28 27.63
C ASP B 230 13.68 16.49 27.15
N ARG B 231 12.82 17.07 27.99
CA ARG B 231 11.38 17.07 27.71
C ARG B 231 11.04 17.96 26.51
N LYS B 232 11.50 19.21 26.51
CA LYS B 232 11.13 20.13 25.44
C LYS B 232 11.53 19.58 24.07
N ARG B 233 12.77 19.12 23.93
CA ARG B 233 13.23 18.61 22.65
C ARG B 233 12.49 17.33 22.26
N ALA B 234 12.16 16.50 23.24
CA ALA B 234 11.46 15.25 22.96
C ALA B 234 10.00 15.48 22.57
N MET B 235 9.36 16.48 23.16
CA MET B 235 7.95 16.75 22.93
C MET B 235 7.68 17.70 21.78
N LYS B 236 8.72 18.19 21.11
CA LYS B 236 8.54 19.23 20.09
C LYS B 236 7.55 18.79 19.02
N TRP B 237 7.78 17.64 18.39
CA TRP B 237 6.92 17.20 17.30
C TRP B 237 5.47 17.10 17.76
N LEU B 238 5.23 16.44 18.89
CA LEU B 238 3.87 16.33 19.40
C LEU B 238 3.24 17.71 19.62
N LYS B 239 3.99 18.65 20.18
N LYS B 239 4.01 18.61 20.23
CA LYS B 239 3.37 19.94 20.49
CA LYS B 239 3.55 19.96 20.50
C LYS B 239 3.34 20.88 19.30
C LYS B 239 3.16 20.68 19.21
N MET B 240 4.00 20.55 18.18
CA MET B 240 3.78 21.29 16.94
C MET B 240 2.53 20.81 16.21
N HIS B 241 2.12 19.57 16.44
CA HIS B 241 0.96 19.02 15.74
C HIS B 241 -0.29 18.96 16.62
N ALA B 242 -0.14 18.94 17.94
CA ALA B 242 -1.29 18.94 18.84
C ALA B 242 -2.03 20.27 18.74
N ALA B 247 -5.86 23.58 12.39
CA ALA B 247 -6.49 24.41 11.36
C ALA B 247 -6.11 23.93 9.96
N HIS B 248 -4.92 23.35 9.83
CA HIS B 248 -4.54 22.70 8.57
C HIS B 248 -5.64 21.82 7.99
N PRO B 249 -6.23 20.90 8.75
CA PRO B 249 -7.27 20.04 8.15
C PRO B 249 -8.47 20.81 7.63
N TRP B 250 -8.89 21.87 8.33
CA TRP B 250 -10.03 22.64 7.85
C TRP B 250 -9.66 23.47 6.62
N GLU B 251 -8.44 23.99 6.58
CA GLU B 251 -7.95 24.65 5.38
C GLU B 251 -7.94 23.69 4.20
N ALA B 252 -7.52 22.44 4.44
CA ALA B 252 -7.53 21.43 3.38
C ALA B 252 -8.95 21.17 2.90
N LEU B 253 -9.89 20.99 3.85
CA LEU B 253 -11.28 20.78 3.47
C LEU B 253 -11.81 21.96 2.64
N GLU B 254 -11.50 23.18 3.06
CA GLU B 254 -11.90 24.35 2.30
C GLU B 254 -11.41 24.27 0.87
N ILE B 255 -10.16 23.84 0.67
CA ILE B 255 -9.63 23.65 -0.67
C ILE B 255 -10.43 22.57 -1.41
N ILE B 256 -10.68 21.45 -0.73
CA ILE B 256 -11.42 20.36 -1.33
C ILE B 256 -12.81 20.82 -1.76
N VAL B 257 -13.51 21.53 -0.87
CA VAL B 257 -14.87 21.96 -1.20
C VAL B 257 -14.85 22.95 -2.35
N THR B 258 -13.90 23.89 -2.34
CA THR B 258 -13.78 24.83 -3.45
C THR B 258 -13.54 24.10 -4.76
N LEU B 259 -12.67 23.09 -4.74
CA LEU B 259 -12.40 22.31 -5.95
C LEU B 259 -13.65 21.57 -6.41
N ALA B 260 -14.40 20.99 -5.47
CA ALA B 260 -15.54 20.16 -5.83
C ALA B 260 -16.73 20.99 -6.29
N GLY B 261 -16.95 22.14 -5.65
CA GLY B 261 -18.10 22.98 -5.96
C GLY B 261 -19.27 22.70 -5.04
N LEU B 262 -20.38 23.37 -5.35
CA LEU B 262 -21.57 23.26 -4.52
C LEU B 262 -22.38 22.00 -4.82
N ASN B 263 -22.31 21.47 -6.03
N ASN B 263 -22.28 21.47 -6.03
CA ASN B 263 -23.08 20.30 -6.43
CA ASN B 263 -23.08 20.32 -6.45
C ASN B 263 -22.17 19.31 -7.15
C ASN B 263 -22.18 19.31 -7.16
N PRO B 264 -21.25 18.69 -6.43
CA PRO B 264 -20.45 17.62 -7.03
C PRO B 264 -21.29 16.36 -7.21
N THR B 265 -20.94 15.59 -8.24
CA THR B 265 -21.64 14.35 -8.50
C THR B 265 -21.52 13.39 -7.32
N LYS B 266 -22.40 12.39 -7.29
CA LYS B 266 -22.30 11.35 -6.28
C LYS B 266 -21.01 10.57 -6.44
N ALA B 267 -20.59 10.33 -7.69
CA ALA B 267 -19.37 9.59 -7.95
C ALA B 267 -18.16 10.28 -7.31
N LEU B 268 -18.10 11.61 -7.39
CA LEU B 268 -16.98 12.34 -6.80
C LEU B 268 -17.05 12.31 -5.28
N GLN B 269 -18.25 12.53 -4.72
CA GLN B 269 -18.41 12.42 -3.28
C GLN B 269 -17.96 11.04 -2.80
N ALA B 270 -18.33 9.99 -3.53
CA ALA B 270 -17.93 8.64 -3.17
C ALA B 270 -16.42 8.46 -3.26
N GLU B 271 -15.80 9.02 -4.30
CA GLU B 271 -14.35 8.91 -4.42
C GLU B 271 -13.66 9.59 -3.24
N LEU B 272 -14.14 10.77 -2.85
CA LEU B 272 -13.57 11.47 -1.70
C LEU B 272 -13.77 10.67 -0.43
N ARG B 273 -14.99 10.17 -0.20
CA ARG B 273 -15.28 9.39 0.99
C ARG B 273 -14.37 8.17 1.08
N GLN B 274 -14.23 7.44 -0.03
CA GLN B 274 -13.45 6.20 -0.01
C GLN B 274 -11.97 6.49 0.19
N ALA B 275 -11.43 7.54 -0.43
CA ALA B 275 -10.04 7.90 -0.24
C ALA B 275 -9.79 8.32 1.21
N ILE B 276 -10.69 9.11 1.79
CA ILE B 276 -10.52 9.55 3.17
C ILE B 276 -10.57 8.36 4.13
N CYS B 277 -11.55 7.48 3.93
CA CYS B 277 -11.69 6.33 4.83
C CYS B 277 -10.56 5.34 4.65
N LYS B 278 -9.98 5.25 3.45
CA LYS B 278 -8.82 4.39 3.25
C LYS B 278 -7.63 4.88 4.06
N SER B 279 -7.39 6.19 4.07
CA SER B 279 -6.33 6.75 4.92
C SER B 279 -6.56 6.40 6.38
N TYR B 280 -7.76 6.67 6.89
CA TYR B 280 -8.08 6.30 8.28
C TYR B 280 -7.85 4.81 8.49
N ASP B 281 -8.34 3.97 7.58
CA ASP B 281 -8.27 2.53 7.77
C ASP B 281 -6.84 2.01 7.76
N TYR B 282 -5.95 2.64 6.99
CA TYR B 282 -4.55 2.24 7.03
C TYR B 282 -3.86 2.73 8.31
N MET B 283 -4.31 3.86 8.85
CA MET B 283 -3.88 4.24 10.18
C MET B 283 -4.37 3.22 11.21
N TYR B 284 -5.62 2.76 11.06
CA TYR B 284 -6.17 1.76 11.98
C TYR B 284 -5.41 0.45 11.88
N LEU B 285 -5.13 -0.01 10.66
CA LEU B 285 -4.34 -1.21 10.46
C LEU B 285 -2.99 -1.11 11.17
N PHE B 286 -2.33 0.03 11.00
CA PHE B 286 -1.08 0.33 11.71
C PHE B 286 -1.23 0.15 13.21
N LEU B 287 -2.24 0.79 13.80
CA LEU B 287 -2.39 0.77 15.25
C LEU B 287 -2.76 -0.61 15.75
N GLU B 288 -3.61 -1.33 15.02
CA GLU B 288 -3.98 -2.67 15.42
C GLU B 288 -2.77 -3.60 15.47
N ARG B 289 -1.91 -3.52 14.45
CA ARG B 289 -0.72 -4.37 14.45
C ARG B 289 0.22 -4.00 15.58
N CYS B 290 0.38 -2.70 15.86
CA CYS B 290 1.20 -2.28 16.99
C CYS B 290 0.70 -2.90 18.29
N MET B 291 -0.63 -2.89 18.50
CA MET B 291 -1.20 -3.39 19.74
C MET B 291 -1.25 -4.91 19.80
N GLN B 292 -1.26 -5.58 18.64
CA GLN B 292 -1.08 -7.03 18.64
C GLN B 292 0.16 -7.42 19.43
N GLN B 293 1.21 -6.58 19.35
CA GLN B 293 2.43 -6.85 20.10
C GLN B 293 2.25 -6.57 21.58
N GLU B 294 1.49 -5.53 21.92
CA GLU B 294 1.25 -5.17 23.31
C GLU B 294 0.29 -6.17 23.96
#